data_4DI4
#
_entry.id   4DI4
#
_cell.length_a   172.879
_cell.length_b   172.879
_cell.length_c   150.718
_cell.angle_alpha   90.000
_cell.angle_beta   90.000
_cell.angle_gamma   120.000
#
_symmetry.space_group_name_H-M   'H 3 2'
#
loop_
_entity.id
_entity.type
_entity.pdbx_description
1 polymer 'TatT (Tp0956)'
2 polymer 'TatP(T) (Tp0957)'
3 non-polymer 'TRIETHYLENE GLYCOL'
4 non-polymer 'TETRAETHYLENE GLYCOL'
5 water water
#
loop_
_entity_poly.entity_id
_entity_poly.type
_entity_poly.pdbx_seq_one_letter_code
_entity_poly.pdbx_strand_id
1 'polypeptide(L)'
;SLKRLAFSSLSHTLAPFPEGELDAHLSDADFTRVFTEEDDLDLVAQSLPLVLKVYEALHLQNPAHRGLSLAVGRLYIMYA
NAFVQTPAQYLPEDEFEAQNEAYSRARKLYLRGARYALSSLETAYPGFTREVFSGDEQRLHKVLSRCTRVDVGTLYWVGT
GYVAAFALTPLGSALPDTVHAAVMMLERACDLWPSYQEGAVWNVLTKFYAAAPESFGGGMEKAHTAFEHLTRYCSAHDPD
HHITYADALCIPLNNRAGFDEALDRALAIDPESVPHNKLLVILSQKRARWLKAHVQDFFLD
;
A
2 'polypeptide(L)'
;GRKEKVVLKIASIAPARSIWETELKKLSAEWSEITGGLVSMKFYDMSSLGGEREGIRKLKSSRPGQAAPLDGAVFSCLGL
SELAPDSGIYTLSVPFLIQNEKDLERVLHELREDLDRPFRAAGFRVITWTNAGWLSFYTRAPYASLGQLKKQTIALSSLD
SSVLGTCFRICGFDIKDAPNVRLAPLLKAGSIDGFLSVHLFTWATGFYRYISYALDTKICPAVIGMLISDGSWARIPSRY
HDAMLQAATRVRQRLANNLETLDRECSNNIQKAGVSIVHLTPQEIQEWRTEFAADVKRIQARLPGMLNMTLYEKIKHLLY
SAQR
;
B
#
# COMPACT_ATOMS: atom_id res chain seq x y z
N ASP A 28 14.04 -4.99 -37.16
CA ASP A 28 15.43 -5.20 -37.55
C ASP A 28 16.38 -5.27 -36.33
N ALA A 29 17.46 -6.03 -36.49
CA ALA A 29 18.40 -6.28 -35.38
C ALA A 29 19.35 -5.13 -35.12
N ASP A 30 19.82 -4.48 -36.19
CA ASP A 30 20.76 -3.36 -36.05
C ASP A 30 20.01 -2.09 -35.69
N PHE A 31 18.69 -2.10 -35.86
CA PHE A 31 17.88 -0.96 -35.46
C PHE A 31 17.62 -0.96 -33.95
N THR A 32 17.36 -2.14 -33.39
CA THR A 32 17.15 -2.25 -31.97
C THR A 32 18.49 -1.97 -31.28
N ARG A 33 19.58 -2.18 -32.01
CA ARG A 33 20.91 -1.97 -31.47
C ARG A 33 21.23 -0.50 -31.16
N VAL A 34 20.90 0.41 -32.08
CA VAL A 34 21.11 1.83 -31.86
C VAL A 34 20.34 2.36 -30.64
N PHE A 35 19.36 1.61 -30.18
CA PHE A 35 18.66 1.98 -28.95
C PHE A 35 19.23 1.30 -27.70
N THR A 36 19.27 -0.03 -27.70
CA THR A 36 19.72 -0.78 -26.53
C THR A 36 21.19 -0.57 -26.15
N GLU A 37 22.02 -0.27 -27.13
CA GLU A 37 23.44 -0.07 -26.89
C GLU A 37 23.83 1.40 -26.76
N GLU A 38 22.79 2.24 -26.76
CA GLU A 38 22.90 3.68 -26.59
C GLU A 38 23.29 4.06 -25.14
N ASP A 39 24.14 5.08 -24.99
CA ASP A 39 24.43 5.68 -23.69
C ASP A 39 23.73 7.04 -23.38
N ASP A 40 22.95 7.57 -24.32
CA ASP A 40 22.35 8.89 -24.10
C ASP A 40 20.85 8.73 -23.85
N LEU A 41 20.41 8.98 -22.61
CA LEU A 41 19.01 8.72 -22.28
C LEU A 41 18.05 9.71 -22.93
N ASP A 42 18.48 10.96 -23.08
CA ASP A 42 17.60 11.96 -23.67
C ASP A 42 17.30 11.56 -25.10
N LEU A 43 18.36 11.27 -25.86
CA LEU A 43 18.23 10.84 -27.24
C LEU A 43 17.23 9.70 -27.35
N VAL A 44 17.43 8.63 -26.60
CA VAL A 44 16.48 7.52 -26.68
C VAL A 44 15.05 8.02 -26.41
N ALA A 45 14.90 8.85 -25.38
CA ALA A 45 13.58 9.32 -24.97
C ALA A 45 12.89 10.20 -26.02
N GLN A 46 13.66 11.01 -26.74
CA GLN A 46 13.07 11.85 -27.76
C GLN A 46 12.71 11.05 -29.04
N SER A 47 13.49 10.02 -29.34
CA SER A 47 13.22 9.23 -30.54
C SER A 47 12.12 8.15 -30.43
N LEU A 48 11.97 7.52 -29.26
CA LEU A 48 11.04 6.40 -29.10
C LEU A 48 9.54 6.63 -29.30
N PRO A 49 9.02 7.78 -28.88
CA PRO A 49 7.55 7.86 -28.94
C PRO A 49 7.01 7.52 -30.33
N LEU A 50 7.58 8.11 -31.38
CA LEU A 50 7.16 7.83 -32.76
C LEU A 50 7.30 6.35 -33.13
N VAL A 51 8.39 5.73 -32.69
CA VAL A 51 8.60 4.32 -32.92
C VAL A 51 7.48 3.46 -32.35
N LEU A 52 6.99 3.81 -31.16
CA LEU A 52 5.85 3.08 -30.59
C LEU A 52 4.61 3.34 -31.43
N LYS A 53 4.46 4.58 -31.89
CA LYS A 53 3.26 4.98 -32.60
C LYS A 53 3.14 4.18 -33.88
N VAL A 54 4.30 3.98 -34.52
CA VAL A 54 4.39 3.19 -35.72
C VAL A 54 4.09 1.72 -35.47
N TYR A 55 4.81 1.14 -34.52
CA TYR A 55 4.60 -0.27 -34.19
C TYR A 55 3.14 -0.53 -33.83
N GLU A 56 2.49 0.53 -33.32
CA GLU A 56 1.12 0.38 -32.84
C GLU A 56 0.18 0.41 -34.03
N ALA A 57 0.44 1.33 -34.94
CA ALA A 57 -0.34 1.48 -36.15
C ALA A 57 -0.23 0.17 -36.97
N LEU A 58 0.98 -0.32 -37.12
CA LEU A 58 1.19 -1.63 -37.67
C LEU A 58 0.35 -2.70 -37.00
N HIS A 59 0.43 -2.77 -35.69
CA HIS A 59 -0.32 -3.79 -34.98
C HIS A 59 -1.83 -3.73 -35.26
N LEU A 60 -2.37 -2.55 -35.50
CA LEU A 60 -3.81 -2.39 -35.71
C LEU A 60 -4.20 -2.81 -37.12
N GLN A 61 -3.24 -2.72 -38.03
CA GLN A 61 -3.34 -3.35 -39.35
C GLN A 61 -3.40 -4.86 -39.20
N ASN A 62 -2.47 -5.42 -38.44
CA ASN A 62 -2.33 -6.85 -38.25
C ASN A 62 -2.58 -7.25 -36.83
N PRO A 63 -3.85 -7.24 -36.41
CA PRO A 63 -4.20 -7.64 -35.05
C PRO A 63 -3.76 -9.09 -34.79
N ALA A 64 -3.69 -9.90 -35.83
CA ALA A 64 -3.44 -11.32 -35.65
C ALA A 64 -1.94 -11.61 -35.57
N HIS A 65 -1.11 -10.66 -35.98
CA HIS A 65 0.31 -10.96 -35.95
C HIS A 65 0.82 -10.85 -34.51
N ARG A 66 1.30 -12.00 -34.02
CA ARG A 66 1.58 -12.24 -32.61
C ARG A 66 2.87 -11.64 -32.15
N GLY A 67 3.87 -11.70 -33.03
CA GLY A 67 5.16 -11.11 -32.74
C GLY A 67 5.05 -9.59 -32.67
N LEU A 68 4.09 -9.05 -33.42
CA LEU A 68 3.88 -7.61 -33.44
C LEU A 68 3.15 -7.17 -32.15
N SER A 69 2.10 -7.91 -31.81
CA SER A 69 1.31 -7.63 -30.65
C SER A 69 2.23 -7.54 -29.43
N LEU A 70 3.14 -8.50 -29.34
CA LEU A 70 4.01 -8.62 -28.21
C LEU A 70 5.06 -7.52 -28.26
N ALA A 71 5.54 -7.22 -29.47
CA ALA A 71 6.61 -6.25 -29.64
C ALA A 71 6.20 -4.82 -29.22
N VAL A 72 4.96 -4.47 -29.49
CA VAL A 72 4.49 -3.12 -29.22
C VAL A 72 4.20 -3.03 -27.72
N GLY A 73 3.59 -4.08 -27.16
CA GLY A 73 3.37 -4.20 -25.74
C GLY A 73 4.67 -4.12 -24.94
N ARG A 74 5.69 -4.84 -25.39
CA ARG A 74 6.96 -4.81 -24.70
C ARG A 74 7.53 -3.41 -24.74
N LEU A 75 7.31 -2.71 -25.85
CA LEU A 75 7.90 -1.38 -25.98
C LEU A 75 7.25 -0.37 -25.04
N TYR A 76 5.92 -0.38 -25.02
CA TYR A 76 5.14 0.43 -24.12
C TYR A 76 5.56 0.24 -22.66
N ILE A 77 5.66 -1.00 -22.24
CA ILE A 77 6.11 -1.29 -20.91
C ILE A 77 7.51 -0.72 -20.61
N MET A 78 8.48 -1.06 -21.44
CA MET A 78 9.86 -0.60 -21.23
C MET A 78 9.95 0.90 -21.25
N TYR A 79 9.15 1.53 -22.08
CA TYR A 79 9.13 2.98 -22.15
C TYR A 79 8.52 3.62 -20.86
N ALA A 80 7.43 3.04 -20.34
CA ALA A 80 6.78 3.59 -19.14
C ALA A 80 7.80 3.59 -18.03
N ASN A 81 8.47 2.45 -17.87
CA ASN A 81 9.49 2.30 -16.87
C ASN A 81 10.59 3.35 -16.99
N ALA A 82 11.31 3.32 -18.10
CA ALA A 82 12.51 4.13 -18.26
C ALA A 82 12.24 5.62 -18.41
N PHE A 83 11.30 5.94 -19.28
CA PHE A 83 11.01 7.33 -19.59
C PHE A 83 9.77 7.95 -18.97
N VAL A 84 9.06 7.22 -18.12
CA VAL A 84 7.92 7.86 -17.48
C VAL A 84 8.00 7.77 -15.95
N GLN A 85 7.97 6.55 -15.42
CA GLN A 85 8.10 6.27 -14.01
C GLN A 85 9.45 6.69 -13.42
N THR A 86 10.52 6.14 -14.01
CA THR A 86 11.88 6.40 -13.53
C THR A 86 12.19 7.90 -13.39
N PRO A 87 12.06 8.67 -14.47
CA PRO A 87 12.37 10.10 -14.30
C PRO A 87 11.59 10.76 -13.15
N ALA A 88 10.38 10.29 -12.90
CA ALA A 88 9.48 10.90 -11.93
C ALA A 88 9.99 10.59 -10.54
N GLN A 89 10.59 9.43 -10.40
CA GLN A 89 11.10 9.00 -9.11
C GLN A 89 12.21 9.94 -8.63
N TYR A 90 12.79 10.66 -9.56
CA TYR A 90 13.91 11.57 -9.29
C TYR A 90 13.43 12.99 -9.05
N LEU A 91 12.11 13.16 -9.02
CA LEU A 91 11.55 14.48 -8.71
C LEU A 91 11.70 14.80 -7.24
N PRO A 92 11.87 16.10 -6.92
CA PRO A 92 11.97 16.61 -5.54
C PRO A 92 10.66 16.39 -4.81
N GLU A 93 10.71 16.11 -3.50
CA GLU A 93 9.54 15.63 -2.78
C GLU A 93 8.36 16.62 -2.69
N ASP A 94 8.58 17.85 -3.13
CA ASP A 94 7.51 18.85 -3.24
C ASP A 94 6.89 18.91 -4.64
N GLU A 95 7.52 18.25 -5.59
CA GLU A 95 7.02 18.17 -6.94
C GLU A 95 6.07 16.98 -7.01
N PHE A 96 5.76 16.44 -5.84
CA PHE A 96 4.99 15.22 -5.73
C PHE A 96 3.65 15.20 -6.51
N GLU A 97 3.07 16.37 -6.80
CA GLU A 97 1.86 16.38 -7.62
C GLU A 97 2.20 16.05 -9.07
N ALA A 98 3.26 16.67 -9.55
CA ALA A 98 3.80 16.36 -10.87
C ALA A 98 4.22 14.91 -10.87
N GLN A 99 4.78 14.46 -9.75
CA GLN A 99 5.23 13.09 -9.68
C GLN A 99 4.03 12.11 -9.73
N ASN A 100 2.91 12.51 -9.15
CA ASN A 100 1.73 11.65 -9.18
C ASN A 100 1.08 11.54 -10.53
N GLU A 101 0.94 12.66 -11.24
CA GLU A 101 0.50 12.61 -12.63
C GLU A 101 1.37 11.59 -13.36
N ALA A 102 2.69 11.72 -13.20
CA ALA A 102 3.61 10.88 -13.98
C ALA A 102 3.38 9.43 -13.64
N TYR A 103 3.14 9.16 -12.36
CA TYR A 103 2.92 7.79 -11.96
C TYR A 103 1.64 7.25 -12.59
N SER A 104 0.67 8.14 -12.74
CA SER A 104 -0.61 7.78 -13.29
C SER A 104 -0.43 7.56 -14.79
N ARG A 105 0.33 8.45 -15.43
CA ARG A 105 0.69 8.29 -16.85
C ARG A 105 1.31 6.92 -17.09
N ALA A 106 2.30 6.60 -16.28
CA ALA A 106 3.05 5.36 -16.42
C ALA A 106 2.19 4.14 -16.13
N ARG A 107 1.29 4.28 -15.17
CA ARG A 107 0.40 3.19 -14.82
C ARG A 107 -0.44 2.84 -16.05
N LYS A 108 -0.92 3.87 -16.74
CA LYS A 108 -1.75 3.71 -17.93
C LYS A 108 -0.95 3.09 -19.10
N LEU A 109 0.31 3.49 -19.27
CA LEU A 109 1.13 2.92 -20.33
C LEU A 109 1.43 1.44 -20.10
N TYR A 110 1.65 1.08 -18.84
CA TYR A 110 1.88 -0.30 -18.45
C TYR A 110 0.68 -1.18 -18.80
N LEU A 111 -0.52 -0.71 -18.48
CA LEU A 111 -1.72 -1.45 -18.78
C LEU A 111 -1.93 -1.64 -20.29
N ARG A 112 -1.56 -0.62 -21.07
CA ARG A 112 -1.83 -0.61 -22.49
C ARG A 112 -0.89 -1.60 -23.12
N GLY A 113 0.37 -1.57 -22.67
CA GLY A 113 1.38 -2.47 -23.18
C GLY A 113 1.11 -3.91 -22.78
N ALA A 114 0.39 -4.07 -21.67
CA ALA A 114 0.07 -5.39 -21.15
C ALA A 114 -1.08 -5.97 -21.92
N ARG A 115 -2.03 -5.14 -22.34
CA ARG A 115 -3.14 -5.61 -23.16
C ARG A 115 -2.68 -5.98 -24.58
N TYR A 116 -1.77 -5.19 -25.13
CA TYR A 116 -1.13 -5.51 -26.38
C TYR A 116 -0.47 -6.90 -26.35
N ALA A 117 0.34 -7.16 -25.33
CA ALA A 117 1.01 -8.45 -25.25
C ALA A 117 0.02 -9.59 -25.05
N LEU A 118 -0.99 -9.35 -24.24
CA LEU A 118 -1.96 -10.36 -23.91
C LEU A 118 -2.77 -10.72 -25.15
N SER A 119 -2.94 -9.77 -26.05
CA SER A 119 -3.71 -10.01 -27.24
C SER A 119 -2.97 -10.96 -28.24
N SER A 120 -1.66 -11.14 -28.06
CA SER A 120 -0.95 -12.21 -28.76
C SER A 120 -1.32 -13.59 -28.19
N LEU A 121 -1.46 -13.69 -26.87
CA LEU A 121 -1.99 -14.91 -26.26
C LEU A 121 -3.44 -15.19 -26.69
N GLU A 122 -4.24 -14.15 -26.82
CA GLU A 122 -5.62 -14.30 -27.21
C GLU A 122 -5.68 -14.75 -28.67
N THR A 123 -4.63 -14.43 -29.43
CA THR A 123 -4.59 -14.84 -30.81
C THR A 123 -4.29 -16.35 -30.88
N ALA A 124 -3.33 -16.81 -30.10
CA ALA A 124 -3.03 -18.24 -30.06
C ALA A 124 -4.16 -19.03 -29.40
N TYR A 125 -4.61 -18.57 -28.25
CA TYR A 125 -5.61 -19.30 -27.48
C TYR A 125 -6.88 -18.47 -27.32
N PRO A 126 -7.73 -18.49 -28.33
CA PRO A 126 -9.01 -17.79 -28.25
C PRO A 126 -9.77 -18.17 -26.99
N GLY A 127 -10.32 -17.18 -26.29
CA GLY A 127 -10.99 -17.40 -25.01
C GLY A 127 -10.05 -17.27 -23.82
N PHE A 128 -8.78 -17.00 -24.08
CA PHE A 128 -7.75 -16.91 -23.05
C PHE A 128 -8.07 -15.83 -22.04
N THR A 129 -8.24 -14.62 -22.54
CA THR A 129 -8.49 -13.50 -21.67
C THR A 129 -9.67 -13.76 -20.75
N ARG A 130 -10.75 -14.33 -21.29
CA ARG A 130 -11.95 -14.51 -20.50
C ARG A 130 -11.75 -15.51 -19.36
N GLU A 131 -10.87 -16.48 -19.58
CA GLU A 131 -10.54 -17.49 -18.58
C GLU A 131 -9.64 -16.94 -17.48
N VAL A 132 -8.57 -16.33 -17.93
CA VAL A 132 -7.50 -15.93 -17.05
C VAL A 132 -7.99 -14.84 -16.09
N PHE A 133 -8.93 -14.04 -16.58
CA PHE A 133 -9.61 -13.00 -15.79
C PHE A 133 -10.99 -13.41 -15.26
N SER A 134 -11.29 -14.71 -15.32
CA SER A 134 -12.54 -15.21 -14.80
C SER A 134 -12.75 -14.92 -13.31
N GLY A 135 -11.70 -15.13 -12.52
CA GLY A 135 -11.84 -15.09 -11.08
C GLY A 135 -12.09 -16.50 -10.55
N ASP A 136 -12.15 -17.45 -11.47
CA ASP A 136 -12.25 -18.85 -11.13
C ASP A 136 -10.84 -19.45 -11.21
N GLU A 137 -10.31 -19.85 -10.06
CA GLU A 137 -8.94 -20.34 -9.97
C GLU A 137 -8.68 -21.52 -10.91
N GLN A 138 -9.66 -22.40 -11.06
CA GLN A 138 -9.53 -23.57 -11.93
C GLN A 138 -9.44 -23.16 -13.40
N ARG A 139 -10.39 -22.34 -13.84
CA ARG A 139 -10.38 -21.82 -15.20
C ARG A 139 -9.06 -21.13 -15.47
N LEU A 140 -8.62 -20.33 -14.51
CA LEU A 140 -7.34 -19.66 -14.62
C LEU A 140 -6.22 -20.69 -14.85
N HIS A 141 -6.12 -21.67 -13.97
CA HIS A 141 -5.02 -22.61 -14.07
C HIS A 141 -5.11 -23.54 -15.28
N LYS A 142 -6.32 -23.92 -15.64
CA LYS A 142 -6.51 -24.75 -16.82
C LYS A 142 -5.91 -24.06 -18.02
N VAL A 143 -6.35 -22.83 -18.25
CA VAL A 143 -5.94 -22.06 -19.42
C VAL A 143 -4.43 -21.80 -19.46
N LEU A 144 -3.84 -21.61 -18.29
CA LEU A 144 -2.39 -21.47 -18.16
C LEU A 144 -1.69 -22.81 -18.36
N SER A 145 -2.38 -23.90 -18.05
CA SER A 145 -1.82 -25.24 -18.23
C SER A 145 -1.59 -25.55 -19.71
N ARG A 146 -2.35 -24.90 -20.58
CA ARG A 146 -2.26 -25.17 -22.02
C ARG A 146 -1.20 -24.29 -22.69
N CYS A 147 -0.44 -23.55 -21.89
CA CYS A 147 0.65 -22.70 -22.38
C CYS A 147 1.99 -23.43 -22.53
N THR A 148 2.74 -23.12 -23.59
CA THR A 148 4.02 -23.77 -23.86
C THR A 148 5.23 -22.83 -23.74
N ARG A 149 6.43 -23.40 -23.90
CA ARG A 149 7.68 -22.65 -23.79
C ARG A 149 7.73 -21.50 -24.81
N VAL A 150 6.88 -21.59 -25.81
CA VAL A 150 6.77 -20.57 -26.84
C VAL A 150 6.08 -19.30 -26.32
N ASP A 151 5.26 -19.47 -25.30
CA ASP A 151 4.51 -18.35 -24.72
C ASP A 151 5.19 -17.59 -23.59
N VAL A 152 6.29 -18.14 -23.10
CA VAL A 152 6.95 -17.61 -21.93
C VAL A 152 7.25 -16.10 -22.00
N GLY A 153 7.89 -15.64 -23.06
CA GLY A 153 8.13 -14.22 -23.22
C GLY A 153 6.86 -13.41 -23.13
N THR A 154 5.77 -13.96 -23.63
CA THR A 154 4.50 -13.26 -23.64
C THR A 154 3.94 -13.21 -22.21
N LEU A 155 3.87 -14.37 -21.59
CA LEU A 155 3.50 -14.42 -20.18
C LEU A 155 4.30 -13.41 -19.34
N TYR A 156 5.61 -13.37 -19.53
CA TYR A 156 6.46 -12.51 -18.73
C TYR A 156 6.03 -11.04 -18.89
N TRP A 157 5.84 -10.61 -20.14
CA TRP A 157 5.60 -9.20 -20.40
C TRP A 157 4.25 -8.73 -19.91
N VAL A 158 3.26 -9.60 -20.02
CA VAL A 158 1.92 -9.31 -19.56
C VAL A 158 1.91 -9.31 -18.04
N GLY A 159 2.46 -10.38 -17.47
CA GLY A 159 2.52 -10.47 -16.02
C GLY A 159 3.23 -9.24 -15.49
N THR A 160 4.39 -8.97 -16.07
CA THR A 160 5.18 -7.83 -15.68
C THR A 160 4.43 -6.50 -15.85
N GLY A 161 3.65 -6.35 -16.91
CA GLY A 161 3.04 -5.08 -17.20
C GLY A 161 1.98 -4.72 -16.18
N TYR A 162 1.26 -5.73 -15.73
CA TYR A 162 0.17 -5.58 -14.77
C TYR A 162 0.71 -5.31 -13.37
N VAL A 163 1.75 -6.03 -13.02
CA VAL A 163 2.39 -5.90 -11.74
C VAL A 163 3.04 -4.52 -11.62
N ALA A 164 3.66 -4.05 -12.70
CA ALA A 164 4.18 -2.70 -12.71
C ALA A 164 3.02 -1.73 -12.47
N ALA A 165 1.90 -1.94 -13.18
CA ALA A 165 0.75 -1.05 -13.02
C ALA A 165 0.25 -1.05 -11.59
N PHE A 166 0.18 -2.24 -11.01
CA PHE A 166 -0.42 -2.40 -9.72
C PHE A 166 0.40 -1.59 -8.69
N ALA A 167 1.70 -1.52 -8.93
CA ALA A 167 2.58 -0.87 -8.00
C ALA A 167 2.39 0.66 -8.01
N LEU A 168 1.82 1.17 -9.11
CA LEU A 168 1.49 2.60 -9.28
C LEU A 168 0.01 2.91 -9.07
N THR A 169 -0.70 1.92 -8.56
CA THR A 169 -2.14 2.02 -8.47
C THR A 169 -2.61 2.36 -7.05
N PRO A 170 -3.42 3.42 -6.92
CA PRO A 170 -3.97 3.87 -5.63
C PRO A 170 -4.65 2.72 -4.91
N LEU A 171 -4.35 2.57 -3.63
CA LEU A 171 -4.88 1.51 -2.81
C LEU A 171 -6.39 1.52 -2.90
N GLY A 172 -6.97 0.35 -3.21
CA GLY A 172 -8.40 0.26 -3.39
C GLY A 172 -8.83 0.33 -4.85
N SER A 173 -7.94 0.81 -5.71
CA SER A 173 -8.26 0.92 -7.12
C SER A 173 -7.91 -0.33 -7.93
N ALA A 174 -7.09 -1.22 -7.37
CA ALA A 174 -6.77 -2.46 -8.07
C ALA A 174 -7.93 -3.45 -7.99
N LEU A 175 -7.82 -4.55 -8.72
CA LEU A 175 -8.77 -5.65 -8.60
C LEU A 175 -7.95 -6.85 -8.18
N PRO A 176 -8.21 -7.37 -6.98
CA PRO A 176 -7.30 -8.39 -6.47
C PRO A 176 -7.13 -9.59 -7.41
N ASP A 177 -8.18 -9.93 -8.17
CA ASP A 177 -8.13 -11.07 -9.10
C ASP A 177 -7.21 -10.81 -10.27
N THR A 178 -7.20 -9.56 -10.73
CA THR A 178 -6.34 -9.16 -11.83
C THR A 178 -4.88 -9.33 -11.45
N VAL A 179 -4.54 -8.89 -10.25
CA VAL A 179 -3.19 -9.02 -9.74
C VAL A 179 -2.83 -10.50 -9.64
N HIS A 180 -3.67 -11.24 -8.94
CA HIS A 180 -3.43 -12.67 -8.80
C HIS A 180 -3.20 -13.36 -10.16
N ALA A 181 -4.00 -13.00 -11.16
CA ALA A 181 -3.87 -13.58 -12.49
C ALA A 181 -2.49 -13.28 -13.04
N ALA A 182 -2.15 -11.99 -13.08
CA ALA A 182 -0.82 -11.55 -13.49
C ALA A 182 0.30 -12.33 -12.81
N VAL A 183 0.20 -12.52 -11.50
CA VAL A 183 1.26 -13.22 -10.78
C VAL A 183 1.30 -14.69 -11.17
N MET A 184 0.12 -15.27 -11.39
CA MET A 184 0.04 -16.66 -11.81
C MET A 184 0.72 -16.83 -13.20
N MET A 185 0.62 -15.82 -14.05
CA MET A 185 1.28 -15.87 -15.35
C MET A 185 2.78 -15.93 -15.19
N LEU A 186 3.31 -15.13 -14.28
CA LEU A 186 4.73 -15.15 -14.04
C LEU A 186 5.15 -16.49 -13.45
N GLU A 187 4.38 -17.02 -12.53
CA GLU A 187 4.78 -18.26 -11.92
C GLU A 187 4.71 -19.38 -12.95
N ARG A 188 3.77 -19.26 -13.89
CA ARG A 188 3.68 -20.21 -14.98
C ARG A 188 4.97 -20.16 -15.81
N ALA A 189 5.34 -18.95 -16.23
CA ALA A 189 6.57 -18.74 -16.99
C ALA A 189 7.74 -19.45 -16.33
N CYS A 190 7.91 -19.23 -15.03
CA CYS A 190 8.99 -19.86 -14.28
C CYS A 190 8.97 -21.36 -14.44
N ASP A 191 7.77 -21.91 -14.41
CA ASP A 191 7.60 -23.35 -14.53
C ASP A 191 8.00 -23.91 -15.89
N LEU A 192 7.66 -23.19 -16.95
CA LEU A 192 7.99 -23.61 -18.31
C LEU A 192 9.47 -23.41 -18.57
N TRP A 193 9.98 -22.25 -18.18
CA TRP A 193 11.31 -21.89 -18.57
C TRP A 193 12.06 -21.10 -17.48
N PRO A 194 12.41 -21.77 -16.39
CA PRO A 194 13.00 -21.14 -15.20
C PRO A 194 14.15 -20.19 -15.51
N SER A 195 15.03 -20.59 -16.42
CA SER A 195 16.24 -19.84 -16.69
C SER A 195 16.01 -18.67 -17.64
N TYR A 196 14.76 -18.47 -18.04
CA TYR A 196 14.42 -17.53 -19.12
C TYR A 196 15.03 -16.13 -18.99
N GLN A 197 15.56 -15.63 -20.08
CA GLN A 197 16.18 -14.30 -20.15
C GLN A 197 17.03 -14.02 -18.92
N GLU A 198 18.07 -14.81 -18.74
CA GLU A 198 19.01 -14.67 -17.64
C GLU A 198 18.32 -14.46 -16.27
N GLY A 199 17.13 -15.05 -16.11
CA GLY A 199 16.44 -15.04 -14.84
C GLY A 199 15.38 -13.96 -14.66
N ALA A 200 15.17 -13.16 -15.68
CA ALA A 200 14.33 -11.95 -15.55
C ALA A 200 12.95 -12.13 -14.91
N VAL A 201 12.35 -13.30 -15.02
CA VAL A 201 11.04 -13.44 -14.43
C VAL A 201 11.14 -13.44 -12.92
N TRP A 202 12.23 -13.97 -12.39
CA TRP A 202 12.43 -14.03 -10.95
C TRP A 202 12.63 -12.64 -10.42
N ASN A 203 13.33 -11.81 -11.18
CA ASN A 203 13.57 -10.45 -10.76
C ASN A 203 12.28 -9.75 -10.42
N VAL A 204 11.34 -9.82 -11.36
CA VAL A 204 10.05 -9.18 -11.22
C VAL A 204 9.28 -9.76 -10.07
N LEU A 205 9.29 -11.09 -10.01
CA LEU A 205 8.66 -11.80 -8.91
C LEU A 205 9.23 -11.43 -7.55
N THR A 206 10.54 -11.21 -7.47
CA THR A 206 11.15 -10.87 -6.21
C THR A 206 10.63 -9.52 -5.73
N LYS A 207 10.62 -8.53 -6.61
CA LYS A 207 10.06 -7.24 -6.24
C LYS A 207 8.61 -7.37 -5.78
N PHE A 208 7.83 -8.20 -6.45
CA PHE A 208 6.44 -8.33 -6.09
C PHE A 208 6.21 -8.94 -4.71
N TYR A 209 6.91 -10.02 -4.38
CA TYR A 209 6.62 -10.79 -3.17
C TYR A 209 7.05 -10.04 -1.94
N ALA A 210 8.09 -9.24 -2.12
CA ALA A 210 8.67 -8.49 -1.03
C ALA A 210 7.81 -7.27 -0.70
N ALA A 211 7.08 -6.76 -1.69
CA ALA A 211 6.24 -5.61 -1.50
C ALA A 211 4.78 -5.94 -1.16
N ALA A 212 4.46 -7.22 -1.05
CA ALA A 212 3.08 -7.60 -0.77
C ALA A 212 3.01 -8.31 0.57
N PRO A 213 1.86 -8.23 1.25
CA PRO A 213 1.70 -8.88 2.56
C PRO A 213 1.55 -10.39 2.40
N GLU A 214 1.85 -11.12 3.46
CA GLU A 214 1.71 -12.58 3.44
C GLU A 214 0.25 -12.93 3.15
N SER A 215 -0.62 -11.92 3.27
CA SER A 215 -2.06 -12.05 2.98
C SER A 215 -2.46 -11.67 1.55
N PHE A 216 -1.54 -11.07 0.81
CA PHE A 216 -1.77 -10.74 -0.60
C PHE A 216 -1.13 -11.70 -1.61
N GLY A 217 -0.56 -12.79 -1.12
CA GLY A 217 0.16 -13.71 -1.97
C GLY A 217 1.64 -13.43 -2.01
N GLY A 218 2.09 -12.51 -1.16
CA GLY A 218 3.51 -12.18 -1.04
C GLY A 218 4.16 -12.65 0.25
N GLY A 219 5.38 -12.18 0.49
CA GLY A 219 6.06 -12.45 1.74
C GLY A 219 7.55 -12.31 1.56
N MET A 220 8.29 -12.34 2.66
CA MET A 220 9.74 -12.27 2.56
C MET A 220 10.35 -13.63 2.25
N GLU A 221 9.71 -14.69 2.73
CA GLU A 221 10.19 -16.02 2.44
C GLU A 221 10.13 -16.27 0.94
N LYS A 222 8.96 -16.04 0.34
CA LYS A 222 8.84 -16.18 -1.11
C LYS A 222 9.86 -15.32 -1.81
N ALA A 223 9.87 -14.04 -1.46
CA ALA A 223 10.81 -13.11 -2.05
C ALA A 223 12.26 -13.60 -2.07
N HIS A 224 12.76 -14.08 -0.93
CA HIS A 224 14.12 -14.58 -0.91
C HIS A 224 14.29 -15.80 -1.80
N THR A 225 13.30 -16.67 -1.79
CA THR A 225 13.34 -17.86 -2.64
C THR A 225 13.46 -17.51 -4.12
N ALA A 226 12.68 -16.54 -4.59
CA ALA A 226 12.75 -16.08 -5.98
C ALA A 226 14.09 -15.45 -6.26
N PHE A 227 14.67 -14.79 -5.27
CA PHE A 227 15.96 -14.13 -5.47
C PHE A 227 17.08 -15.14 -5.62
N GLU A 228 17.05 -16.18 -4.80
CA GLU A 228 18.00 -17.26 -4.92
C GLU A 228 18.00 -17.80 -6.36
N HIS A 229 16.81 -18.03 -6.90
CA HIS A 229 16.73 -18.53 -8.28
C HIS A 229 17.33 -17.52 -9.23
N LEU A 230 16.92 -16.27 -9.08
CA LEU A 230 17.46 -15.20 -9.90
C LEU A 230 18.98 -15.29 -9.95
N THR A 231 19.64 -15.43 -8.80
CA THR A 231 21.10 -15.49 -8.79
C THR A 231 21.69 -16.74 -9.46
N ARG A 232 20.88 -17.78 -9.66
CA ARG A 232 21.38 -18.93 -10.41
C ARG A 232 21.55 -18.54 -11.88
N TYR A 233 20.55 -17.85 -12.42
CA TYR A 233 20.49 -17.57 -13.84
C TYR A 233 21.05 -16.23 -14.32
N CYS A 234 21.27 -15.30 -13.40
CA CYS A 234 21.53 -13.91 -13.81
C CYS A 234 22.96 -13.73 -14.26
N SER A 235 23.18 -12.73 -15.10
CA SER A 235 24.53 -12.41 -15.59
C SER A 235 25.36 -11.64 -14.57
N ALA A 236 26.67 -11.80 -14.65
CA ALA A 236 27.58 -11.05 -13.78
C ALA A 236 27.73 -9.60 -14.24
N HIS A 237 27.30 -9.30 -15.46
CA HIS A 237 27.39 -7.95 -16.00
C HIS A 237 26.10 -7.17 -15.76
N ASP A 238 25.09 -7.82 -15.19
CA ASP A 238 23.82 -7.17 -14.92
C ASP A 238 23.77 -6.55 -13.52
N PRO A 239 23.63 -5.21 -13.45
CA PRO A 239 23.52 -4.42 -12.22
C PRO A 239 22.18 -4.57 -11.53
N ASP A 240 21.15 -4.88 -12.30
CA ASP A 240 19.79 -4.90 -11.78
C ASP A 240 19.62 -5.77 -10.56
N HIS A 241 20.13 -7.00 -10.60
CA HIS A 241 19.86 -7.93 -9.51
C HIS A 241 20.50 -7.48 -8.18
N HIS A 242 21.63 -6.77 -8.27
CA HIS A 242 22.21 -6.15 -7.10
C HIS A 242 21.29 -5.09 -6.57
N ILE A 243 20.83 -4.22 -7.47
CA ILE A 243 19.94 -3.14 -7.09
C ILE A 243 18.64 -3.68 -6.50
N THR A 244 18.08 -4.69 -7.13
CA THR A 244 16.87 -5.33 -6.65
C THR A 244 17.08 -5.86 -5.24
N TYR A 245 18.23 -6.46 -5.01
CA TYR A 245 18.60 -6.93 -3.69
C TYR A 245 18.67 -5.77 -2.69
N ALA A 246 19.25 -4.65 -3.10
CA ALA A 246 19.44 -3.55 -2.16
C ALA A 246 18.10 -3.02 -1.69
N ASP A 247 17.26 -2.66 -2.66
CA ASP A 247 16.03 -1.94 -2.32
C ASP A 247 14.73 -2.75 -2.18
N ALA A 248 14.69 -4.01 -2.63
CA ALA A 248 13.50 -4.79 -2.31
C ALA A 248 13.69 -5.67 -1.07
N LEU A 249 14.94 -5.90 -0.71
CA LEU A 249 15.24 -6.78 0.40
C LEU A 249 15.87 -6.03 1.59
N CYS A 250 17.01 -5.42 1.32
CA CYS A 250 17.82 -4.75 2.33
C CYS A 250 17.13 -3.58 3.02
N ILE A 251 16.39 -2.79 2.26
CA ILE A 251 15.69 -1.66 2.88
C ILE A 251 14.63 -2.11 3.88
N PRO A 252 13.64 -2.91 3.43
CA PRO A 252 12.56 -3.29 4.33
C PRO A 252 13.05 -4.09 5.51
N LEU A 253 14.20 -4.73 5.37
CA LEU A 253 14.78 -5.51 6.44
C LEU A 253 15.76 -4.65 7.17
N ASN A 254 15.82 -3.38 6.78
CA ASN A 254 16.73 -2.42 7.40
C ASN A 254 18.12 -3.02 7.51
N ASN A 255 18.70 -3.37 6.38
CA ASN A 255 20.11 -3.71 6.34
C ASN A 255 20.85 -2.71 5.49
N ARG A 256 21.56 -1.78 6.12
CA ARG A 256 22.25 -0.75 5.36
C ARG A 256 23.48 -1.38 4.73
N ALA A 257 24.22 -2.17 5.50
CA ALA A 257 25.39 -2.87 4.99
C ALA A 257 25.09 -3.55 3.67
N GLY A 258 24.20 -4.55 3.71
CA GLY A 258 23.79 -5.25 2.50
C GLY A 258 23.43 -4.25 1.41
N PHE A 259 22.65 -3.25 1.80
CA PHE A 259 22.24 -2.19 0.90
C PHE A 259 23.43 -1.51 0.26
N ASP A 260 24.41 -1.13 1.07
CA ASP A 260 25.59 -0.43 0.56
C ASP A 260 26.49 -1.31 -0.31
N GLU A 261 26.74 -2.54 0.14
CA GLU A 261 27.63 -3.41 -0.60
C GLU A 261 27.06 -3.79 -1.95
N ALA A 262 25.75 -4.06 -1.99
CA ALA A 262 25.07 -4.45 -3.22
C ALA A 262 25.17 -3.36 -4.29
N LEU A 263 24.93 -2.13 -3.87
CA LEU A 263 25.02 -1.00 -4.79
C LEU A 263 26.45 -0.78 -5.30
N ASP A 264 27.42 -1.08 -4.46
CA ASP A 264 28.82 -1.01 -4.89
C ASP A 264 29.07 -2.04 -5.98
N ARG A 265 28.41 -3.18 -5.84
CA ARG A 265 28.56 -4.25 -6.80
C ARG A 265 27.94 -3.79 -8.11
N ALA A 266 26.77 -3.19 -8.01
CA ALA A 266 26.05 -2.70 -9.18
C ALA A 266 26.87 -1.64 -9.89
N LEU A 267 27.50 -0.77 -9.12
CA LEU A 267 28.26 0.33 -9.70
C LEU A 267 29.65 -0.09 -10.16
N ALA A 268 30.10 -1.26 -9.73
CA ALA A 268 31.42 -1.74 -10.13
C ALA A 268 31.50 -2.12 -11.61
N ILE A 269 30.37 -2.57 -12.17
CA ILE A 269 30.28 -3.02 -13.58
C ILE A 269 30.58 -1.91 -14.57
N ASP A 270 31.46 -2.19 -15.55
CA ASP A 270 31.77 -1.24 -16.62
C ASP A 270 30.81 -1.41 -17.80
N PRO A 271 30.07 -0.34 -18.14
CA PRO A 271 29.09 -0.35 -19.24
C PRO A 271 29.75 -0.60 -20.60
N GLU A 272 30.96 -0.10 -20.78
CA GLU A 272 31.71 -0.33 -22.01
C GLU A 272 32.05 -1.82 -22.17
N SER A 273 32.12 -2.53 -21.05
CA SER A 273 32.56 -3.92 -21.05
C SER A 273 31.43 -4.92 -21.21
N VAL A 274 30.18 -4.45 -21.14
CA VAL A 274 29.04 -5.34 -21.29
C VAL A 274 28.72 -5.60 -22.76
N PRO A 275 28.31 -6.84 -23.05
CA PRO A 275 28.03 -7.39 -24.38
C PRO A 275 26.78 -6.82 -25.03
N HIS A 276 25.76 -6.53 -24.24
CA HIS A 276 24.50 -6.09 -24.78
C HIS A 276 23.74 -5.32 -23.71
N ASN A 277 22.80 -4.49 -24.13
CA ASN A 277 22.01 -3.73 -23.18
C ASN A 277 22.80 -2.69 -22.38
N LYS A 278 23.74 -2.02 -23.03
CA LYS A 278 24.45 -0.91 -22.39
C LYS A 278 23.49 0.15 -21.77
N LEU A 279 22.50 0.58 -22.55
CA LEU A 279 21.48 1.50 -22.07
C LEU A 279 20.86 1.11 -20.74
N LEU A 280 20.45 -0.15 -20.61
CA LEU A 280 19.77 -0.54 -19.39
C LEU A 280 20.74 -0.60 -18.20
N VAL A 281 22.00 -0.89 -18.50
CA VAL A 281 23.03 -0.84 -17.48
C VAL A 281 23.20 0.60 -16.99
N ILE A 282 23.34 1.50 -17.95
CA ILE A 282 23.48 2.92 -17.65
C ILE A 282 22.28 3.44 -16.86
N LEU A 283 21.10 3.00 -17.25
CA LEU A 283 19.88 3.42 -16.56
C LEU A 283 19.95 2.94 -15.11
N SER A 284 20.22 1.66 -14.96
CA SER A 284 20.32 1.04 -13.65
C SER A 284 21.37 1.67 -12.75
N GLN A 285 22.51 2.05 -13.32
CA GLN A 285 23.55 2.65 -12.48
C GLN A 285 23.15 4.04 -12.07
N LYS A 286 22.40 4.72 -12.91
CA LYS A 286 21.92 6.04 -12.55
C LYS A 286 21.10 5.90 -11.27
N ARG A 287 20.29 4.86 -11.21
CA ARG A 287 19.47 4.60 -10.04
C ARG A 287 20.30 4.23 -8.79
N ALA A 288 21.30 3.37 -8.97
CA ALA A 288 22.15 3.00 -7.86
C ALA A 288 22.83 4.24 -7.28
N ARG A 289 23.34 5.10 -8.14
CA ARG A 289 23.97 6.32 -7.68
C ARG A 289 23.01 7.07 -6.78
N TRP A 290 21.79 7.23 -7.28
CA TRP A 290 20.76 7.95 -6.55
C TRP A 290 20.43 7.28 -5.22
N LEU A 291 20.22 5.97 -5.25
CA LEU A 291 19.95 5.24 -4.02
C LEU A 291 21.05 5.47 -2.98
N LYS A 292 22.31 5.47 -3.40
CA LYS A 292 23.41 5.67 -2.48
C LYS A 292 23.40 7.08 -1.90
N ALA A 293 23.05 8.05 -2.73
CA ALA A 293 23.02 9.42 -2.28
C ALA A 293 22.02 9.57 -1.14
N HIS A 294 20.89 8.88 -1.27
CA HIS A 294 19.79 8.99 -0.32
C HIS A 294 19.73 7.94 0.79
N VAL A 295 20.77 7.13 0.94
CA VAL A 295 20.74 6.03 1.90
C VAL A 295 20.16 6.52 3.23
N GLN A 296 20.45 7.78 3.57
CA GLN A 296 19.96 8.37 4.80
C GLN A 296 18.45 8.30 4.94
N ASP A 297 17.73 8.36 3.82
CA ASP A 297 16.26 8.35 3.85
C ASP A 297 15.64 6.97 3.94
N PHE A 298 16.42 5.94 3.62
CA PHE A 298 15.92 4.57 3.76
C PHE A 298 16.35 3.85 5.05
N PHE A 299 17.35 4.40 5.74
CA PHE A 299 17.86 3.73 6.93
C PHE A 299 17.97 4.64 8.14
N LEU A 300 17.62 4.09 9.32
CA LEU A 300 17.67 4.80 10.61
C LEU A 300 16.59 5.87 10.80
N LYS B 5 17.82 23.88 6.59
CA LYS B 5 18.61 23.21 7.61
C LYS B 5 17.90 22.03 8.27
N VAL B 6 16.72 22.28 8.82
CA VAL B 6 16.00 21.26 9.57
C VAL B 6 15.23 20.21 8.74
N VAL B 7 15.46 18.94 9.06
CA VAL B 7 14.78 17.81 8.42
C VAL B 7 14.30 16.80 9.46
N LEU B 8 13.01 16.51 9.44
CA LEU B 8 12.41 15.65 10.45
C LEU B 8 12.14 14.23 9.98
N LYS B 9 12.53 13.25 10.79
CA LYS B 9 12.20 11.86 10.51
C LYS B 9 10.90 11.47 11.21
N ILE B 10 9.88 11.21 10.41
CA ILE B 10 8.63 10.70 10.93
C ILE B 10 8.48 9.25 10.52
N ALA B 11 8.54 8.34 11.48
CA ALA B 11 8.19 6.97 11.23
C ALA B 11 6.70 6.97 10.92
N SER B 12 6.32 6.38 9.79
CA SER B 12 4.93 6.46 9.35
C SER B 12 4.25 5.11 9.32
N ILE B 13 3.03 5.09 9.82
CA ILE B 13 2.25 3.87 9.80
C ILE B 13 1.29 3.85 8.59
N ALA B 14 1.37 4.85 7.71
CA ALA B 14 0.49 4.93 6.52
C ALA B 14 0.88 3.96 5.43
N PRO B 15 -0.11 3.23 4.94
CA PRO B 15 -0.12 2.25 3.85
C PRO B 15 0.46 2.75 2.53
N ALA B 16 0.97 1.81 1.74
CA ALA B 16 1.72 2.08 0.51
C ALA B 16 1.12 3.11 -0.44
N ARG B 17 0.00 2.79 -1.05
CA ARG B 17 -0.61 3.72 -1.98
C ARG B 17 -1.74 4.56 -1.42
N SER B 18 -1.88 4.54 -0.10
CA SER B 18 -3.02 5.16 0.59
C SER B 18 -3.10 6.68 0.49
N ILE B 19 -4.30 7.19 0.74
CA ILE B 19 -4.52 8.63 0.84
C ILE B 19 -3.73 9.27 1.99
N TRP B 20 -3.55 8.53 3.08
CA TRP B 20 -2.72 9.03 4.16
C TRP B 20 -1.32 9.25 3.63
N GLU B 21 -0.75 8.26 2.95
CA GLU B 21 0.61 8.37 2.47
C GLU B 21 0.78 9.60 1.61
N THR B 22 -0.25 9.86 0.80
CA THR B 22 -0.24 11.00 -0.10
C THR B 22 -0.45 12.30 0.67
N GLU B 23 -1.35 12.26 1.65
CA GLU B 23 -1.66 13.45 2.41
C GLU B 23 -0.46 13.91 3.25
N LEU B 24 0.33 12.94 3.71
CA LEU B 24 1.49 13.25 4.55
C LEU B 24 2.57 13.97 3.77
N LYS B 25 2.58 13.77 2.46
CA LYS B 25 3.52 14.47 1.60
C LYS B 25 3.02 15.86 1.27
N LYS B 26 1.73 15.95 0.94
CA LYS B 26 1.08 17.21 0.65
C LYS B 26 1.32 18.18 1.81
N LEU B 27 1.36 17.64 3.04
CA LEU B 27 1.65 18.43 4.22
C LEU B 27 3.13 18.79 4.29
N SER B 28 3.99 17.78 4.09
CA SER B 28 5.44 18.00 4.11
C SER B 28 5.88 19.05 3.09
N ALA B 29 5.24 19.05 1.92
CA ALA B 29 5.55 20.06 0.92
C ALA B 29 4.86 21.39 1.25
N GLU B 30 3.71 21.31 1.92
CA GLU B 30 2.97 22.50 2.33
C GLU B 30 3.75 23.22 3.41
N TRP B 31 4.36 22.45 4.32
CA TRP B 31 5.19 23.03 5.37
C TRP B 31 6.48 23.59 4.79
N SER B 32 7.19 22.75 4.03
CA SER B 32 8.48 23.12 3.49
C SER B 32 8.40 24.52 2.90
N GLU B 33 7.58 24.65 1.87
CA GLU B 33 7.36 25.95 1.24
C GLU B 33 7.03 27.07 2.24
N ILE B 34 6.22 26.77 3.26
CA ILE B 34 5.87 27.76 4.28
C ILE B 34 7.08 28.21 5.09
N THR B 35 8.01 27.29 5.35
CA THR B 35 9.23 27.64 6.07
C THR B 35 10.26 28.23 5.09
N GLY B 36 9.92 28.23 3.81
CA GLY B 36 10.83 28.71 2.79
C GLY B 36 11.87 27.64 2.48
N GLY B 37 11.51 26.39 2.76
CA GLY B 37 12.36 25.26 2.41
C GLY B 37 13.29 24.81 3.51
N LEU B 38 13.30 25.53 4.62
CA LEU B 38 14.20 25.20 5.71
C LEU B 38 13.81 23.90 6.40
N VAL B 39 12.53 23.73 6.68
CA VAL B 39 12.06 22.57 7.42
C VAL B 39 11.21 21.64 6.56
N SER B 40 11.37 20.33 6.74
CA SER B 40 10.62 19.35 5.96
C SER B 40 10.47 17.99 6.66
N MET B 41 9.82 17.05 5.97
CA MET B 41 9.52 15.74 6.54
C MET B 41 9.96 14.59 5.65
N LYS B 42 10.78 13.71 6.21
CA LYS B 42 11.19 12.47 5.54
C LYS B 42 10.52 11.28 6.21
N PHE B 43 9.70 10.54 5.47
CA PHE B 43 8.93 9.44 6.07
C PHE B 43 9.63 8.08 6.06
N TYR B 44 9.49 7.36 7.18
CA TYR B 44 10.10 6.04 7.37
C TYR B 44 9.00 5.05 7.73
N ASP B 45 9.14 3.80 7.29
CA ASP B 45 8.07 2.83 7.47
C ASP B 45 8.19 2.07 8.78
N MET B 46 7.09 1.95 9.51
CA MET B 46 7.13 1.34 10.83
C MET B 46 7.30 -0.16 10.83
N SER B 47 6.83 -0.84 9.79
CA SER B 47 7.14 -2.26 9.64
C SER B 47 8.65 -2.44 9.58
N SER B 48 9.31 -1.58 8.80
CA SER B 48 10.75 -1.70 8.51
C SER B 48 11.62 -1.56 9.75
N LEU B 49 11.23 -0.67 10.66
CA LEU B 49 12.00 -0.43 11.87
C LEU B 49 11.56 -1.31 13.06
N GLY B 50 10.68 -2.26 12.79
CA GLY B 50 10.33 -3.25 13.79
C GLY B 50 8.97 -3.11 14.46
N GLY B 51 8.11 -2.31 13.85
CA GLY B 51 6.74 -2.24 14.31
C GLY B 51 6.46 -0.98 15.10
N GLU B 52 5.21 -0.79 15.49
CA GLU B 52 4.81 0.40 16.22
C GLU B 52 5.57 0.56 17.54
N ARG B 53 5.85 -0.55 18.22
CA ARG B 53 6.52 -0.44 19.51
C ARG B 53 8.00 -0.12 19.36
N GLU B 54 8.67 -0.82 18.45
CA GLU B 54 10.09 -0.59 18.21
C GLU B 54 10.33 0.85 17.80
N GLY B 55 9.30 1.47 17.22
CA GLY B 55 9.41 2.83 16.76
C GLY B 55 9.46 3.78 17.92
N ILE B 56 8.75 3.41 18.98
CA ILE B 56 8.69 4.19 20.20
C ILE B 56 10.08 4.46 20.77
N ARG B 57 10.86 3.40 20.98
CA ARG B 57 12.17 3.55 21.60
C ARG B 57 13.13 4.37 20.75
N LYS B 58 12.71 4.70 19.54
CA LYS B 58 13.54 5.51 18.64
C LYS B 58 13.25 7.01 18.71
N LEU B 59 12.40 7.40 19.66
CA LEU B 59 12.10 8.81 19.92
C LEU B 59 12.97 9.41 21.02
N PRO B 69 17.30 10.42 16.97
CA PRO B 69 17.40 9.34 15.97
C PRO B 69 16.29 9.48 14.95
N LEU B 70 15.08 9.41 15.48
CA LEU B 70 13.89 9.68 14.72
C LEU B 70 13.04 10.57 15.59
N ASP B 71 12.76 11.78 15.14
CA ASP B 71 11.94 12.62 15.99
C ASP B 71 10.62 12.95 15.33
N GLY B 72 9.62 12.12 15.61
CA GLY B 72 8.24 12.31 15.22
C GLY B 72 7.65 10.93 14.94
N ALA B 73 6.34 10.82 14.89
CA ALA B 73 5.72 9.55 14.49
C ALA B 73 4.26 9.71 14.10
N VAL B 74 3.77 8.77 13.28
CA VAL B 74 2.35 8.59 13.09
C VAL B 74 1.94 7.26 13.69
N PHE B 75 0.96 7.30 14.58
CA PHE B 75 0.64 6.18 15.46
C PHE B 75 -0.83 5.86 15.43
N SER B 76 -1.14 4.58 15.52
CA SER B 76 -2.50 4.16 15.83
C SER B 76 -2.55 4.09 17.34
N CYS B 77 -3.70 3.75 17.89
CA CYS B 77 -3.82 3.69 19.33
C CYS B 77 -2.94 2.58 19.94
N LEU B 78 -2.34 1.75 19.08
CA LEU B 78 -1.45 0.71 19.57
C LEU B 78 -0.23 1.34 20.22
N GLY B 79 0.41 2.25 19.50
CA GLY B 79 1.56 2.95 20.02
C GLY B 79 1.18 4.26 20.71
N LEU B 80 0.05 4.83 20.35
CA LEU B 80 -0.35 6.12 20.89
C LEU B 80 -0.66 5.95 22.36
N SER B 81 -1.23 4.79 22.69
CA SER B 81 -1.49 4.47 24.08
C SER B 81 -0.36 3.63 24.65
N GLU B 82 0.68 3.43 23.85
CA GLU B 82 1.88 2.77 24.35
C GLU B 82 2.75 3.73 25.14
N LEU B 83 2.84 4.99 24.68
CA LEU B 83 3.53 6.00 25.49
C LEU B 83 2.68 6.96 26.34
N ALA B 84 1.36 6.79 26.37
CA ALA B 84 0.56 7.56 27.32
C ALA B 84 -0.57 6.74 27.91
N PRO B 85 -0.23 5.71 28.70
CA PRO B 85 -1.24 4.86 29.34
C PRO B 85 -2.26 5.74 30.04
N ASP B 86 -1.85 6.95 30.38
CA ASP B 86 -2.71 7.96 30.97
C ASP B 86 -3.65 8.52 29.90
N SER B 87 -3.45 8.08 28.65
CA SER B 87 -4.27 8.52 27.53
C SER B 87 -5.71 8.10 27.56
N GLY B 88 -6.59 9.03 27.21
CA GLY B 88 -7.98 8.69 26.99
C GLY B 88 -8.13 7.85 25.74
N ILE B 89 -7.82 8.44 24.58
CA ILE B 89 -7.62 7.68 23.34
C ILE B 89 -8.67 6.60 23.03
N TYR B 90 -8.36 5.35 23.34
CA TYR B 90 -9.26 4.25 23.11
C TYR B 90 -10.67 4.62 23.55
N THR B 91 -10.79 5.69 24.32
CA THR B 91 -12.09 6.25 24.64
C THR B 91 -12.93 6.58 23.39
N LEU B 92 -12.28 7.08 22.34
CA LEU B 92 -12.98 7.51 21.10
C LEU B 92 -13.60 6.37 20.29
N SER B 93 -13.03 5.19 20.46
CA SER B 93 -13.54 3.98 19.81
C SER B 93 -14.57 3.19 20.64
N VAL B 94 -15.06 3.77 21.74
CA VAL B 94 -16.25 3.22 22.40
C VAL B 94 -17.37 3.19 21.36
N PRO B 95 -17.99 2.02 21.18
CA PRO B 95 -18.98 1.78 20.12
C PRO B 95 -20.17 2.73 20.13
N PHE B 96 -20.47 3.30 18.97
CA PHE B 96 -21.59 4.22 18.82
C PHE B 96 -21.39 5.55 19.53
N LEU B 97 -20.27 5.69 20.23
CA LEU B 97 -19.92 6.98 20.82
C LEU B 97 -19.81 8.05 19.74
N ILE B 98 -18.82 7.91 18.85
CA ILE B 98 -18.74 8.81 17.71
C ILE B 98 -19.19 8.03 16.47
N GLN B 99 -20.41 8.33 16.02
CA GLN B 99 -21.07 7.49 15.00
C GLN B 99 -21.06 8.03 13.56
N ASN B 100 -20.49 9.22 13.34
CA ASN B 100 -20.36 9.72 11.97
C ASN B 100 -19.28 10.78 11.77
N GLU B 101 -18.92 11.00 10.52
CA GLU B 101 -17.73 11.78 10.19
C GLU B 101 -17.76 13.21 10.76
N LYS B 102 -18.95 13.80 10.83
CA LYS B 102 -19.12 15.16 11.32
C LYS B 102 -18.86 15.19 12.81
N ASP B 103 -19.46 14.24 13.52
CA ASP B 103 -19.30 14.14 14.95
C ASP B 103 -17.83 13.98 15.32
N LEU B 104 -17.09 13.26 14.50
CA LEU B 104 -15.67 13.09 14.75
C LEU B 104 -14.92 14.42 14.62
N GLU B 105 -15.26 15.21 13.61
CA GLU B 105 -14.65 16.51 13.45
C GLU B 105 -14.83 17.37 14.71
N ARG B 106 -16.08 17.57 15.11
CA ARG B 106 -16.37 18.34 16.31
C ARG B 106 -15.53 17.87 17.49
N VAL B 107 -15.34 16.55 17.61
CA VAL B 107 -14.62 16.01 18.75
C VAL B 107 -13.10 16.20 18.69
N LEU B 108 -12.55 16.29 17.49
CA LEU B 108 -11.10 16.47 17.37
C LEU B 108 -10.78 17.94 17.41
N HIS B 109 -11.82 18.74 17.24
CA HIS B 109 -11.69 20.16 17.10
C HIS B 109 -11.89 20.85 18.46
N GLU B 110 -13.13 20.85 18.93
CA GLU B 110 -13.48 21.47 20.19
C GLU B 110 -12.77 20.81 21.36
N LEU B 111 -12.43 19.54 21.21
CA LEU B 111 -11.78 18.76 22.29
C LEU B 111 -10.26 18.57 22.27
N ARG B 112 -9.58 19.27 21.36
CA ARG B 112 -8.14 19.10 21.13
C ARG B 112 -7.25 18.99 22.39
N GLU B 113 -7.42 19.91 23.32
CA GLU B 113 -6.51 20.06 24.46
C GLU B 113 -6.52 18.87 25.41
N ASP B 114 -7.68 18.23 25.54
CA ASP B 114 -7.83 17.12 26.46
C ASP B 114 -7.21 15.87 25.83
N LEU B 115 -7.43 15.71 24.53
CA LEU B 115 -6.80 14.64 23.75
C LEU B 115 -5.30 14.84 23.77
N ASP B 116 -4.87 16.10 23.68
CA ASP B 116 -3.46 16.43 23.56
C ASP B 116 -2.68 16.21 24.85
N ARG B 117 -3.16 16.81 25.92
CA ARG B 117 -2.38 16.93 27.15
C ARG B 117 -1.63 15.65 27.55
N PRO B 118 -2.29 14.48 27.49
CA PRO B 118 -1.58 13.26 27.92
C PRO B 118 -0.24 13.07 27.22
N PHE B 119 -0.11 13.63 26.02
CA PHE B 119 1.09 13.40 25.23
C PHE B 119 2.18 14.42 25.48
N ARG B 120 1.86 15.52 26.15
CA ARG B 120 2.89 16.42 26.60
C ARG B 120 3.39 15.94 27.95
N ALA B 121 2.64 15.01 28.53
CA ALA B 121 3.05 14.29 29.73
C ALA B 121 4.01 13.16 29.36
N ALA B 122 3.99 12.74 28.10
CA ALA B 122 5.06 11.89 27.60
C ALA B 122 6.15 12.68 26.84
N GLY B 123 5.97 14.00 26.76
CA GLY B 123 6.90 14.88 26.06
C GLY B 123 6.79 14.90 24.55
N PHE B 124 5.57 15.08 24.05
CA PHE B 124 5.32 15.24 22.62
C PHE B 124 4.24 16.26 22.34
N ARG B 125 4.39 16.94 21.21
CA ARG B 125 3.35 17.83 20.71
C ARG B 125 2.54 17.11 19.62
N VAL B 126 1.21 17.17 19.72
CA VAL B 126 0.36 16.54 18.73
C VAL B 126 0.20 17.46 17.53
N ILE B 127 0.59 16.97 16.36
CA ILE B 127 0.50 17.73 15.12
C ILE B 127 -0.92 17.74 14.63
N THR B 128 -1.55 16.57 14.66
CA THR B 128 -2.92 16.41 14.19
C THR B 128 -3.49 15.01 14.37
N TRP B 129 -4.82 14.95 14.34
CA TRP B 129 -5.54 13.73 14.55
C TRP B 129 -6.27 13.38 13.29
N THR B 130 -6.49 12.09 13.08
CA THR B 130 -7.30 11.68 11.96
C THR B 130 -7.68 10.22 12.05
N ASN B 131 -8.41 9.75 11.06
CA ASN B 131 -9.10 8.48 11.12
C ASN B 131 -8.52 7.47 10.13
N ALA B 132 -8.23 6.26 10.59
CA ALA B 132 -7.86 5.16 9.70
C ALA B 132 -9.07 4.47 9.05
N GLY B 133 -10.24 4.60 9.65
CA GLY B 133 -11.45 4.01 9.10
C GLY B 133 -12.52 3.70 10.15
N TRP B 134 -13.71 3.36 9.67
CA TRP B 134 -14.79 2.94 10.54
C TRP B 134 -14.94 1.43 10.63
N LEU B 135 -14.75 0.90 11.81
CA LEU B 135 -14.93 -0.51 12.07
C LEU B 135 -16.30 -0.99 11.59
N SER B 136 -16.30 -2.16 10.97
CA SER B 136 -17.53 -2.78 10.51
C SER B 136 -17.38 -4.25 10.71
N PHE B 137 -18.51 -4.94 10.64
CA PHE B 137 -18.51 -6.37 10.73
C PHE B 137 -18.79 -6.98 9.38
N TYR B 138 -18.00 -7.98 9.04
CA TYR B 138 -18.15 -8.66 7.76
C TYR B 138 -18.38 -10.11 8.07
N THR B 139 -19.57 -10.58 7.73
CA THR B 139 -20.06 -11.80 8.32
C THR B 139 -20.74 -12.77 7.32
N ARG B 140 -20.61 -14.06 7.60
CA ARG B 140 -21.17 -15.10 6.75
C ARG B 140 -22.67 -15.18 6.93
N ALA B 141 -23.14 -14.93 8.14
CA ALA B 141 -24.58 -14.95 8.40
C ALA B 141 -25.01 -13.57 8.88
N PRO B 142 -26.31 -13.27 8.75
CA PRO B 142 -26.86 -12.01 9.28
C PRO B 142 -27.33 -12.14 10.74
N TYR B 143 -27.88 -11.05 11.30
CA TYR B 143 -28.22 -10.99 12.73
C TYR B 143 -29.44 -10.09 12.93
N ALA B 144 -30.33 -10.48 13.83
CA ALA B 144 -31.51 -9.69 14.16
C ALA B 144 -31.16 -8.60 15.15
N SER B 145 -30.27 -8.94 16.07
CA SER B 145 -29.84 -8.02 17.11
C SER B 145 -28.33 -8.05 17.34
N LEU B 146 -27.85 -7.00 17.99
CA LEU B 146 -26.47 -6.94 18.47
C LEU B 146 -26.09 -8.21 19.22
N GLY B 147 -26.99 -8.69 20.08
CA GLY B 147 -26.74 -9.88 20.85
C GLY B 147 -26.41 -11.08 19.97
N GLN B 148 -27.24 -11.32 18.96
CA GLN B 148 -27.05 -12.46 18.08
C GLN B 148 -25.69 -12.33 17.38
N LEU B 149 -25.38 -11.12 16.93
CA LEU B 149 -24.10 -10.85 16.31
C LEU B 149 -22.99 -11.20 17.29
N LYS B 150 -23.17 -10.80 18.55
CA LYS B 150 -22.17 -11.07 19.59
C LYS B 150 -21.90 -12.56 19.76
N LYS B 151 -22.87 -13.39 19.38
CA LYS B 151 -22.71 -14.85 19.45
C LYS B 151 -21.70 -15.36 18.43
N GLN B 152 -21.64 -14.71 17.27
CA GLN B 152 -20.80 -15.15 16.16
C GLN B 152 -19.33 -15.03 16.48
N THR B 153 -18.54 -15.97 15.97
CA THR B 153 -17.11 -15.90 16.25
C THR B 153 -16.51 -15.03 15.17
N ILE B 154 -16.08 -13.84 15.57
CA ILE B 154 -15.62 -12.82 14.67
C ILE B 154 -14.15 -12.65 14.99
N ALA B 155 -13.32 -12.50 13.96
CA ALA B 155 -11.89 -12.38 14.17
C ALA B 155 -11.36 -10.98 13.95
N LEU B 156 -10.43 -10.58 14.82
CA LEU B 156 -9.69 -9.35 14.68
C LEU B 156 -8.20 -9.59 14.89
N VAL B 163 -5.09 -5.72 21.26
CA VAL B 163 -5.34 -4.47 21.95
C VAL B 163 -6.83 -4.07 21.91
N LEU B 164 -7.27 -3.53 20.79
CA LEU B 164 -8.69 -3.16 20.59
C LEU B 164 -9.62 -4.36 20.76
N GLY B 165 -9.12 -5.56 20.44
CA GLY B 165 -9.95 -6.76 20.46
C GLY B 165 -10.38 -7.19 21.85
N THR B 166 -9.44 -7.11 22.78
CA THR B 166 -9.71 -7.52 24.15
C THR B 166 -10.85 -6.73 24.74
N CYS B 167 -11.03 -5.48 24.32
CA CYS B 167 -12.18 -4.71 24.76
C CYS B 167 -13.52 -5.28 24.31
N PHE B 168 -13.66 -5.55 23.00
CA PHE B 168 -14.91 -6.08 22.46
C PHE B 168 -15.30 -7.38 23.15
N ARG B 169 -14.31 -8.23 23.40
CA ARG B 169 -14.54 -9.49 24.09
C ARG B 169 -15.38 -9.21 25.35
N ILE B 170 -15.05 -8.14 26.06
CA ILE B 170 -15.75 -7.74 27.29
C ILE B 170 -17.24 -7.54 27.06
N CYS B 171 -17.57 -6.81 26.00
CA CYS B 171 -18.96 -6.43 25.72
C CYS B 171 -19.82 -7.66 25.43
N GLY B 172 -19.18 -8.83 25.34
CA GLY B 172 -19.87 -10.06 25.00
C GLY B 172 -19.62 -10.48 23.56
N PHE B 173 -18.62 -9.88 22.92
CA PHE B 173 -18.26 -10.28 21.57
C PHE B 173 -17.33 -11.49 21.61
N ASP B 174 -17.79 -12.59 21.03
CA ASP B 174 -16.93 -13.74 20.88
C ASP B 174 -15.90 -13.35 19.82
N ILE B 175 -14.64 -13.40 20.21
CA ILE B 175 -13.57 -12.94 19.34
C ILE B 175 -12.42 -13.94 19.30
N LYS B 176 -11.87 -14.13 18.12
CA LYS B 176 -10.68 -14.95 17.93
C LYS B 176 -9.58 -13.98 17.52
N ASP B 177 -8.37 -14.11 18.07
CA ASP B 177 -7.29 -13.21 17.68
C ASP B 177 -6.36 -13.91 16.69
N ALA B 178 -6.44 -13.48 15.43
CA ALA B 178 -5.82 -14.18 14.31
C ALA B 178 -5.05 -13.24 13.41
N PRO B 179 -3.96 -13.74 12.79
CA PRO B 179 -3.13 -12.95 11.87
C PRO B 179 -3.95 -12.62 10.63
N ASN B 180 -3.53 -11.62 9.85
CA ASN B 180 -4.32 -11.19 8.70
C ASN B 180 -4.41 -12.25 7.61
N VAL B 181 -3.48 -13.20 7.67
CA VAL B 181 -3.39 -14.27 6.69
C VAL B 181 -4.52 -15.26 6.89
N ARG B 182 -4.50 -15.90 8.05
CA ARG B 182 -5.33 -17.06 8.32
C ARG B 182 -6.84 -16.80 8.21
N LEU B 183 -7.22 -15.54 8.00
CA LEU B 183 -8.63 -15.22 7.85
C LEU B 183 -9.33 -16.10 6.80
N ALA B 184 -8.79 -16.10 5.57
CA ALA B 184 -9.39 -16.89 4.49
C ALA B 184 -9.48 -18.36 4.92
N PRO B 185 -8.34 -18.97 5.27
CA PRO B 185 -8.45 -20.38 5.65
C PRO B 185 -9.54 -20.59 6.69
N LEU B 186 -9.54 -19.77 7.73
CA LEU B 186 -10.44 -19.93 8.87
C LEU B 186 -11.89 -19.77 8.48
N LEU B 187 -12.17 -18.85 7.58
CA LEU B 187 -13.51 -18.75 7.01
C LEU B 187 -13.85 -20.04 6.26
N LYS B 188 -13.01 -20.42 5.31
CA LYS B 188 -13.27 -21.61 4.50
C LYS B 188 -13.41 -22.85 5.38
N ALA B 189 -12.90 -22.76 6.60
CA ALA B 189 -12.91 -23.90 7.51
C ALA B 189 -14.13 -23.90 8.42
N GLY B 190 -14.87 -22.79 8.42
CA GLY B 190 -15.99 -22.62 9.33
C GLY B 190 -15.58 -22.34 10.78
N SER B 191 -14.35 -21.91 10.97
CA SER B 191 -13.83 -21.61 12.32
C SER B 191 -13.96 -20.12 12.64
N ILE B 192 -14.60 -19.39 11.73
CA ILE B 192 -14.84 -17.97 11.87
C ILE B 192 -16.16 -17.77 11.16
N ASP B 193 -17.03 -16.93 11.70
CA ASP B 193 -18.25 -16.60 10.97
C ASP B 193 -18.08 -15.26 10.25
N GLY B 194 -16.95 -14.63 10.48
CA GLY B 194 -16.73 -13.29 9.96
C GLY B 194 -15.62 -12.58 10.73
N PHE B 195 -15.42 -11.32 10.41
CA PHE B 195 -14.27 -10.63 10.95
C PHE B 195 -14.55 -9.14 11.05
N LEU B 196 -13.73 -8.47 11.85
CA LEU B 196 -13.94 -7.07 12.17
C LEU B 196 -12.86 -6.29 11.46
N SER B 197 -13.26 -5.25 10.74
CA SER B 197 -12.32 -4.52 9.88
C SER B 197 -12.90 -3.22 9.30
N VAL B 198 -12.18 -2.65 8.35
CA VAL B 198 -12.60 -1.44 7.64
C VAL B 198 -12.88 -1.79 6.18
N HIS B 199 -13.70 -0.99 5.51
CA HIS B 199 -14.13 -1.27 4.14
C HIS B 199 -12.99 -1.41 3.12
N LEU B 200 -11.96 -0.59 3.27
CA LEU B 200 -10.86 -0.58 2.31
C LEU B 200 -10.06 -1.86 2.39
N PHE B 201 -9.93 -2.37 3.61
CA PHE B 201 -9.27 -3.65 3.83
C PHE B 201 -10.04 -4.79 3.15
N THR B 202 -11.32 -4.91 3.48
CA THR B 202 -12.11 -6.02 3.02
C THR B 202 -12.31 -5.98 1.49
N TRP B 203 -12.38 -4.79 0.92
CA TRP B 203 -12.38 -4.68 -0.52
C TRP B 203 -11.00 -4.99 -1.06
N ALA B 204 -10.03 -4.12 -0.80
CA ALA B 204 -8.72 -4.25 -1.43
C ALA B 204 -8.03 -5.63 -1.28
N THR B 205 -8.39 -6.41 -0.27
CA THR B 205 -7.77 -7.72 -0.08
C THR B 205 -8.47 -8.86 -0.84
N GLY B 206 -9.63 -8.57 -1.41
CA GLY B 206 -10.48 -9.61 -1.96
C GLY B 206 -11.18 -10.45 -0.89
N PHE B 207 -10.97 -10.13 0.40
CA PHE B 207 -11.61 -10.91 1.47
C PHE B 207 -13.14 -10.82 1.43
N TYR B 208 -13.68 -9.80 0.78
CA TYR B 208 -15.12 -9.77 0.56
C TYR B 208 -15.67 -11.05 -0.08
N ARG B 209 -14.87 -11.70 -0.94
CA ARG B 209 -15.27 -12.96 -1.59
C ARG B 209 -15.75 -14.02 -0.60
N TYR B 210 -15.23 -14.00 0.62
CA TYR B 210 -15.50 -15.06 1.57
C TYR B 210 -16.63 -14.75 2.54
N ILE B 211 -17.33 -13.65 2.30
CA ILE B 211 -18.28 -13.13 3.26
C ILE B 211 -19.58 -12.76 2.53
N SER B 212 -20.73 -13.05 3.15
CA SER B 212 -22.01 -12.62 2.55
C SER B 212 -22.65 -11.31 3.08
N TYR B 213 -22.15 -10.74 4.17
CA TYR B 213 -22.80 -9.55 4.77
C TYR B 213 -21.81 -8.54 5.32
N ALA B 214 -22.04 -7.26 5.00
CA ALA B 214 -21.16 -6.18 5.45
C ALA B 214 -21.98 -5.07 6.09
N LEU B 215 -21.65 -4.74 7.33
CA LEU B 215 -22.37 -3.69 8.07
C LEU B 215 -21.93 -2.33 7.53
N ASP B 216 -22.89 -1.53 7.07
CA ASP B 216 -22.54 -0.23 6.53
C ASP B 216 -22.66 0.88 7.56
N THR B 217 -23.32 0.55 8.66
CA THR B 217 -23.61 1.51 9.68
C THR B 217 -22.36 1.64 10.51
N LYS B 218 -21.83 2.86 10.59
CA LYS B 218 -20.60 3.08 11.32
C LYS B 218 -20.73 2.86 12.83
N ILE B 219 -19.71 2.21 13.38
CA ILE B 219 -19.62 1.89 14.80
C ILE B 219 -18.74 2.87 15.59
N CYS B 220 -17.51 3.05 15.14
CA CYS B 220 -16.57 3.95 15.79
C CYS B 220 -15.34 4.10 14.93
N PRO B 221 -14.64 5.22 15.10
CA PRO B 221 -13.44 5.53 14.33
C PRO B 221 -12.22 4.82 14.89
N ALA B 222 -11.25 4.59 14.03
CA ALA B 222 -9.95 4.10 14.44
C ALA B 222 -9.03 5.29 14.24
N VAL B 223 -8.58 5.85 15.35
CA VAL B 223 -7.99 7.18 15.38
C VAL B 223 -6.46 7.12 15.27
N ILE B 224 -5.88 8.12 14.62
CA ILE B 224 -4.42 8.28 14.51
C ILE B 224 -4.15 9.81 14.56
N GLY B 225 -3.19 10.27 15.37
CA GLY B 225 -1.99 9.56 15.70
C GLY B 225 -0.67 10.26 15.37
N MET B 226 -0.65 11.43 14.73
CA MET B 226 0.65 12.05 14.45
C MET B 226 1.30 12.88 15.59
N LEU B 227 2.47 12.44 16.04
CA LEU B 227 3.20 13.13 17.11
C LEU B 227 4.60 13.53 16.67
N ILE B 228 5.05 14.69 17.11
CA ILE B 228 6.45 15.09 16.93
C ILE B 228 7.14 15.39 18.28
N SER B 229 8.42 15.05 18.40
CA SER B 229 9.12 15.22 19.67
C SER B 229 9.27 16.69 20.07
N ASP B 230 9.02 16.97 21.35
CA ASP B 230 9.10 18.34 21.90
C ASP B 230 10.41 19.05 21.55
N GLY B 231 11.53 18.33 21.68
CA GLY B 231 12.81 18.84 21.24
C GLY B 231 12.84 19.26 19.78
N SER B 232 12.51 18.34 18.87
CA SER B 232 12.61 18.61 17.44
C SER B 232 11.66 19.72 17.02
N TRP B 233 10.53 19.79 17.71
CA TRP B 233 9.60 20.88 17.48
C TRP B 233 10.20 22.22 17.94
N ALA B 234 11.36 22.15 18.62
CA ALA B 234 12.08 23.36 19.00
C ALA B 234 12.84 23.98 17.83
N ARG B 235 13.51 23.16 17.03
CA ARG B 235 14.31 23.66 15.91
C ARG B 235 13.47 24.52 15.00
N ILE B 236 12.15 24.36 15.10
CA ILE B 236 11.23 25.16 14.31
C ILE B 236 11.07 26.53 14.96
N PRO B 237 11.35 27.60 14.20
CA PRO B 237 11.24 28.97 14.70
C PRO B 237 9.81 29.29 15.13
N SER B 238 9.69 30.05 16.22
CA SER B 238 8.39 30.40 16.76
C SER B 238 7.45 30.86 15.65
N ARG B 239 7.99 31.65 14.73
CA ARG B 239 7.21 32.30 13.68
C ARG B 239 6.31 31.32 12.95
N TYR B 240 6.86 30.16 12.61
CA TYR B 240 6.23 29.23 11.70
C TYR B 240 5.15 28.32 12.29
N HIS B 241 5.22 28.07 13.60
CA HIS B 241 4.37 27.07 14.23
C HIS B 241 2.90 27.16 13.84
N ASP B 242 2.35 28.37 13.89
CA ASP B 242 0.92 28.56 13.66
C ASP B 242 0.43 28.01 12.32
N ALA B 243 0.83 28.64 11.23
CA ALA B 243 0.33 28.30 9.90
C ALA B 243 0.70 26.87 9.55
N MET B 244 1.77 26.43 10.20
CA MET B 244 2.22 25.06 10.10
C MET B 244 1.13 24.14 10.65
N LEU B 245 0.74 24.36 11.91
CA LEU B 245 -0.22 23.51 12.58
C LEU B 245 -1.63 23.69 12.03
N GLN B 246 -1.85 24.81 11.36
CA GLN B 246 -3.10 25.01 10.65
C GLN B 246 -3.09 24.24 9.32
N ALA B 247 -1.91 23.82 8.90
CA ALA B 247 -1.77 22.99 7.70
C ALA B 247 -2.06 21.53 8.01
N ALA B 248 -1.76 21.13 9.25
CA ALA B 248 -1.95 19.75 9.64
C ALA B 248 -3.43 19.53 9.88
N THR B 249 -4.14 20.59 10.23
CA THR B 249 -5.57 20.51 10.43
C THR B 249 -6.31 20.60 9.09
N ARG B 250 -5.73 21.33 8.14
CA ARG B 250 -6.27 21.31 6.79
C ARG B 250 -6.27 19.87 6.32
N VAL B 251 -5.14 19.19 6.50
CA VAL B 251 -5.00 17.81 6.08
C VAL B 251 -6.07 16.93 6.69
N ARG B 252 -6.23 17.03 8.01
CA ARG B 252 -7.17 16.19 8.74
C ARG B 252 -8.55 16.24 8.11
N GLN B 253 -8.90 17.43 7.64
CA GLN B 253 -10.23 17.68 7.10
C GLN B 253 -10.37 17.09 5.71
N ARG B 254 -9.34 17.27 4.88
CA ARG B 254 -9.34 16.71 3.55
C ARG B 254 -9.57 15.20 3.59
N LEU B 255 -8.81 14.52 4.44
CA LEU B 255 -8.92 13.08 4.57
C LEU B 255 -10.34 12.66 4.94
N ALA B 256 -10.86 13.23 6.01
CA ALA B 256 -12.18 12.84 6.51
C ALA B 256 -13.24 12.93 5.43
N ASN B 257 -13.00 13.82 4.47
CA ASN B 257 -13.86 13.93 3.29
C ASN B 257 -13.58 12.79 2.34
N ASN B 258 -12.35 12.76 1.82
CA ASN B 258 -11.90 11.73 0.89
C ASN B 258 -12.20 10.33 1.39
N LEU B 259 -12.02 10.12 2.69
CA LEU B 259 -12.32 8.83 3.30
C LEU B 259 -13.79 8.47 3.16
N GLU B 260 -14.68 9.46 3.22
CA GLU B 260 -16.09 9.17 3.01
C GLU B 260 -16.30 8.64 1.60
N THR B 261 -15.71 9.34 0.63
CA THR B 261 -15.85 9.00 -0.77
C THR B 261 -15.35 7.58 -1.02
N LEU B 262 -14.14 7.33 -0.54
CA LEU B 262 -13.47 6.06 -0.70
C LEU B 262 -14.26 4.92 -0.06
N ASP B 263 -14.95 5.22 1.04
CA ASP B 263 -15.71 4.19 1.74
C ASP B 263 -17.00 3.86 1.00
N ARG B 264 -17.61 4.86 0.37
CA ARG B 264 -18.82 4.61 -0.37
C ARG B 264 -18.45 3.79 -1.59
N GLU B 265 -17.33 4.16 -2.21
CA GLU B 265 -16.82 3.40 -3.33
C GLU B 265 -16.59 1.96 -2.95
N CYS B 266 -15.89 1.75 -1.84
CA CYS B 266 -15.59 0.41 -1.40
C CYS B 266 -16.85 -0.37 -1.05
N SER B 267 -17.88 0.35 -0.63
CA SER B 267 -19.11 -0.30 -0.28
C SER B 267 -19.83 -0.75 -1.53
N ASN B 268 -19.91 0.12 -2.52
CA ASN B 268 -20.60 -0.19 -3.77
C ASN B 268 -19.92 -1.31 -4.54
N ASN B 269 -18.60 -1.33 -4.48
CA ASN B 269 -17.84 -2.43 -5.05
C ASN B 269 -18.04 -3.73 -4.30
N ILE B 270 -18.12 -3.65 -2.99
CA ILE B 270 -18.47 -4.83 -2.21
C ILE B 270 -19.88 -5.29 -2.59
N GLN B 271 -20.78 -4.35 -2.82
CA GLN B 271 -22.16 -4.68 -3.09
C GLN B 271 -22.36 -5.19 -4.50
N LYS B 272 -21.75 -4.52 -5.47
CA LYS B 272 -21.80 -5.00 -6.85
C LYS B 272 -21.31 -6.44 -6.87
N ALA B 273 -20.42 -6.77 -5.94
CA ALA B 273 -19.80 -8.08 -5.93
C ALA B 273 -20.69 -9.12 -5.30
N GLY B 274 -21.88 -8.71 -4.87
CA GLY B 274 -22.87 -9.66 -4.39
C GLY B 274 -23.03 -9.79 -2.89
N VAL B 275 -22.39 -8.90 -2.13
CA VAL B 275 -22.54 -8.95 -0.69
C VAL B 275 -23.72 -8.08 -0.25
N SER B 276 -24.62 -8.64 0.53
CA SER B 276 -25.72 -7.88 1.11
C SER B 276 -25.17 -6.86 2.08
N ILE B 277 -25.57 -5.61 1.91
CA ILE B 277 -25.10 -4.54 2.76
C ILE B 277 -26.10 -4.31 3.89
N VAL B 278 -25.67 -4.52 5.12
CA VAL B 278 -26.54 -4.36 6.28
C VAL B 278 -26.65 -2.90 6.69
N HIS B 279 -27.87 -2.40 6.81
CA HIS B 279 -28.09 -1.05 7.34
C HIS B 279 -28.97 -1.09 8.59
N LEU B 280 -28.54 -0.42 9.64
CA LEU B 280 -29.33 -0.35 10.86
C LEU B 280 -30.30 0.83 10.80
N THR B 281 -31.52 0.62 11.29
CA THR B 281 -32.48 1.70 11.41
C THR B 281 -32.21 2.42 12.72
N PRO B 282 -32.60 3.70 12.81
CA PRO B 282 -32.38 4.51 14.01
C PRO B 282 -32.92 3.81 15.25
N GLN B 283 -34.08 3.16 15.10
CA GLN B 283 -34.60 2.26 16.11
C GLN B 283 -33.46 1.35 16.62
N GLU B 284 -32.93 0.51 15.73
CA GLU B 284 -31.85 -0.42 16.06
C GLU B 284 -30.58 0.27 16.59
N ILE B 285 -30.27 1.42 16.02
CA ILE B 285 -29.07 2.16 16.41
C ILE B 285 -29.14 2.57 17.89
N GLN B 286 -30.32 3.00 18.35
CA GLN B 286 -30.49 3.36 19.75
C GLN B 286 -30.45 2.11 20.63
N GLU B 287 -31.05 1.03 20.14
CA GLU B 287 -31.00 -0.26 20.82
C GLU B 287 -29.56 -0.74 21.07
N TRP B 288 -28.69 -0.53 20.08
CA TRP B 288 -27.27 -0.88 20.21
C TRP B 288 -26.53 0.09 21.11
N ARG B 289 -26.87 1.37 21.02
CA ARG B 289 -26.21 2.39 21.85
C ARG B 289 -26.33 2.01 23.30
N THR B 290 -27.57 1.75 23.72
CA THR B 290 -27.89 1.36 25.09
C THR B 290 -27.10 0.11 25.51
N GLU B 291 -27.19 -0.96 24.73
CA GLU B 291 -26.48 -2.18 25.08
C GLU B 291 -24.98 -1.93 25.19
N PHE B 292 -24.49 -0.95 24.43
CA PHE B 292 -23.09 -0.58 24.47
C PHE B 292 -22.74 0.26 25.69
N ALA B 293 -23.61 1.21 26.05
CA ALA B 293 -23.35 2.04 27.24
C ALA B 293 -23.25 1.19 28.50
N ALA B 294 -23.93 0.05 28.51
CA ALA B 294 -23.97 -0.79 29.69
C ALA B 294 -22.64 -1.50 29.87
N ASP B 295 -22.04 -1.86 28.75
CA ASP B 295 -20.74 -2.49 28.75
C ASP B 295 -19.67 -1.50 29.22
N VAL B 296 -19.87 -0.22 28.92
CA VAL B 296 -18.93 0.83 29.29
C VAL B 296 -18.63 0.84 30.78
N LYS B 297 -19.67 0.73 31.60
CA LYS B 297 -19.51 0.51 33.02
C LYS B 297 -18.60 -0.69 33.28
N ARG B 298 -18.82 -1.76 32.52
CA ARG B 298 -18.11 -3.01 32.78
C ARG B 298 -16.61 -2.88 32.51
N ILE B 299 -16.24 -2.28 31.39
CA ILE B 299 -14.84 -2.00 31.08
C ILE B 299 -14.16 -1.16 32.16
N GLN B 300 -14.82 -0.09 32.58
CA GLN B 300 -14.27 0.79 33.62
C GLN B 300 -13.74 -0.02 34.80
N ALA B 301 -14.43 -1.11 35.13
CA ALA B 301 -13.95 -2.01 36.16
C ALA B 301 -12.80 -2.88 35.67
N ARG B 302 -12.98 -3.53 34.52
CA ARG B 302 -12.00 -4.50 34.03
C ARG B 302 -10.76 -3.87 33.38
N LEU B 303 -10.81 -2.54 33.21
CA LEU B 303 -9.62 -1.70 33.10
C LEU B 303 -10.05 -0.25 33.02
N PRO B 304 -9.57 0.56 33.99
CA PRO B 304 -9.78 2.01 34.04
C PRO B 304 -8.89 2.79 33.08
N GLY B 305 -7.71 2.25 32.81
CA GLY B 305 -6.69 2.97 32.06
C GLY B 305 -6.98 3.08 30.59
N MET B 306 -7.92 2.26 30.11
CA MET B 306 -8.28 2.26 28.69
C MET B 306 -9.49 3.14 28.35
N LEU B 307 -9.97 3.87 29.34
CA LEU B 307 -11.06 4.84 29.15
C LEU B 307 -10.86 6.09 29.97
N ASN B 308 -10.92 7.26 29.33
CA ASN B 308 -10.93 8.50 30.09
C ASN B 308 -12.37 8.91 30.33
N MET B 309 -12.78 8.84 31.59
CA MET B 309 -14.18 8.94 31.95
C MET B 309 -14.72 10.35 31.84
N THR B 310 -13.84 11.31 32.06
CA THR B 310 -14.21 12.70 31.90
C THR B 310 -14.15 13.11 30.42
N LEU B 311 -13.23 12.51 29.69
CA LEU B 311 -13.22 12.69 28.24
C LEU B 311 -14.46 12.01 27.69
N TYR B 312 -14.76 10.82 28.22
CA TYR B 312 -15.96 10.11 27.81
C TYR B 312 -17.17 11.01 27.89
N GLU B 313 -17.45 11.47 29.11
CA GLU B 313 -18.66 12.24 29.36
C GLU B 313 -18.67 13.56 28.64
N LYS B 314 -17.52 14.22 28.57
CA LYS B 314 -17.45 15.49 27.85
C LYS B 314 -17.85 15.33 26.37
N ILE B 315 -17.60 14.15 25.81
CA ILE B 315 -18.01 13.85 24.43
C ILE B 315 -19.54 13.69 24.30
N LYS B 316 -20.15 12.96 25.22
CA LYS B 316 -21.60 12.81 25.23
C LYS B 316 -22.26 14.18 25.38
N HIS B 317 -21.71 14.98 26.27
CA HIS B 317 -22.15 16.35 26.39
C HIS B 317 -22.18 16.96 25.00
N LEU B 318 -21.02 17.04 24.37
CA LEU B 318 -20.85 17.69 23.08
C LEU B 318 -21.88 17.28 22.00
N LEU B 319 -22.33 16.02 22.04
CA LEU B 319 -23.57 15.65 21.35
C LEU B 319 -24.15 14.34 21.86
#